data_8V4W
#
_entry.id   8V4W
#
_cell.length_a   85.792
_cell.length_b   85.792
_cell.length_c   55.194
_cell.angle_alpha   90.00
_cell.angle_beta   90.00
_cell.angle_gamma   120.00
#
_symmetry.space_group_name_H-M   'P 64'
#
loop_
_entity.id
_entity.type
_entity.pdbx_description
1 polymer 'Secreted protein 1'
2 non-polymer 'ACETIC ACID'
3 water water
#
_entity_poly.entity_id   1
_entity_poly.type   'polypeptide(L)'
_entity_poly.pdbx_seq_one_letter_code
;GIDPFTWGFGGSSKEKPNYDYSADKKLIEINTRPISTDNAKYWCFDKGNDLGCLSLEKLEALESKDLKKVVKFYEKTIPE
YCYDKKFAPACNIPAIDLIQQKLSYYVRNDIDNKTIKTFYSDYAKALSESKADVKMLEYGCNELKSAYICRDLRDMYKYL
GDKEKTKEYNDKMKNGDEKWNSVLYDYKHMRYIHGGYSSWWLLEKIK
;
_entity_poly.pdbx_strand_id   A
#
# COMPACT_ATOMS: atom_id res chain seq x y z
N GLY A 1 -19.34 -29.11 6.48
CA GLY A 1 -18.90 -29.27 7.88
C GLY A 1 -19.33 -28.06 8.70
N ILE A 2 -19.03 -28.10 10.00
CA ILE A 2 -19.41 -27.01 10.89
C ILE A 2 -18.58 -25.76 10.61
N ASP A 3 -17.27 -25.91 10.32
CA ASP A 3 -16.44 -24.76 10.00
C ASP A 3 -16.88 -24.21 8.65
N PRO A 4 -17.33 -22.93 8.55
CA PRO A 4 -17.70 -22.39 7.25
C PRO A 4 -16.61 -22.42 6.20
N PHE A 5 -15.33 -22.54 6.60
CA PHE A 5 -14.27 -22.77 5.63
C PHE A 5 -14.66 -23.90 4.67
N THR A 6 -15.32 -24.92 5.22
CA THR A 6 -15.63 -26.12 4.46
C THR A 6 -16.70 -25.83 3.43
N TRP A 7 -17.55 -24.83 3.69
CA TRP A 7 -18.61 -24.50 2.76
C TRP A 7 -18.08 -23.90 1.45
N GLY A 8 -16.85 -23.33 1.48
CA GLY A 8 -16.24 -22.71 0.31
C GLY A 8 -14.97 -23.45 -0.16
N PHE A 9 -14.74 -24.64 0.41
CA PHE A 9 -13.54 -25.41 0.15
C PHE A 9 -13.35 -25.62 -1.35
N GLY A 10 -12.15 -25.34 -1.84
CA GLY A 10 -11.84 -25.50 -3.25
C GLY A 10 -12.48 -24.45 -4.17
N GLY A 11 -13.11 -23.42 -3.58
CA GLY A 11 -13.77 -22.42 -4.41
C GLY A 11 -12.76 -21.39 -4.89
N SER A 12 -13.24 -20.43 -5.68
CA SER A 12 -12.46 -19.26 -6.05
C SER A 12 -11.81 -18.57 -4.84
N SER A 13 -10.47 -18.40 -4.91
CA SER A 13 -9.62 -17.80 -3.90
C SER A 13 -9.48 -16.28 -4.10
N LYS A 14 -10.04 -15.80 -5.25
CA LYS A 14 -9.95 -14.40 -5.69
C LYS A 14 -10.57 -13.49 -4.64
N GLU A 15 -9.86 -12.42 -4.28
CA GLU A 15 -10.30 -11.41 -3.32
C GLU A 15 -10.41 -10.08 -4.04
N LYS A 16 -11.61 -9.52 -4.09
CA LYS A 16 -11.86 -8.33 -4.86
C LYS A 16 -11.56 -7.11 -4.00
N PRO A 17 -10.82 -6.14 -4.56
CA PRO A 17 -10.50 -4.94 -3.79
C PRO A 17 -11.73 -4.07 -3.67
N ASN A 18 -11.86 -3.34 -2.58
CA ASN A 18 -12.92 -2.36 -2.45
C ASN A 18 -12.30 -0.99 -2.19
N TYR A 19 -11.53 -0.51 -3.14
CA TYR A 19 -10.68 0.65 -2.91
C TYR A 19 -11.43 1.95 -3.06
N ASP A 20 -11.02 2.93 -2.25
CA ASP A 20 -11.56 4.28 -2.31
C ASP A 20 -10.67 5.12 -3.21
N TYR A 21 -11.18 5.49 -4.38
CA TYR A 21 -10.48 6.32 -5.36
C TYR A 21 -10.88 7.78 -5.26
N SER A 22 -11.56 8.20 -4.19
CA SER A 22 -12.12 9.55 -4.17
C SER A 22 -11.05 10.65 -4.21
N ALA A 23 -9.88 10.48 -3.58
CA ALA A 23 -8.84 11.49 -3.64
C ALA A 23 -8.16 11.52 -5.02
N ASP A 24 -7.95 10.39 -5.68
CA ASP A 24 -7.35 10.37 -7.01
C ASP A 24 -8.30 11.03 -8.02
N LYS A 25 -9.60 10.74 -7.91
CA LYS A 25 -10.62 11.39 -8.71
C LYS A 25 -10.60 12.90 -8.50
N LYS A 26 -10.59 13.35 -7.24
CA LYS A 26 -10.60 14.76 -6.91
C LYS A 26 -9.37 15.44 -7.49
N LEU A 27 -8.20 14.79 -7.34
CA LEU A 27 -6.95 15.40 -7.81
C LEU A 27 -7.01 15.56 -9.33
N ILE A 28 -7.45 14.51 -10.03
CA ILE A 28 -7.58 14.58 -11.47
C ILE A 28 -8.50 15.73 -11.90
N GLU A 29 -9.55 16.01 -11.12
CA GLU A 29 -10.53 17.02 -11.48
C GLU A 29 -10.03 18.44 -11.22
N ILE A 30 -9.22 18.66 -10.18
CA ILE A 30 -8.96 20.03 -9.76
C ILE A 30 -7.51 20.45 -9.92
N ASN A 31 -6.58 19.48 -10.07
CA ASN A 31 -5.17 19.83 -10.07
C ASN A 31 -4.82 20.58 -11.36
N THR A 32 -4.15 21.73 -11.22
CA THR A 32 -3.72 22.50 -12.39
C THR A 32 -2.19 22.56 -12.46
N ARG A 33 -1.51 22.02 -11.43
CA ARG A 33 -0.07 22.16 -11.30
C ARG A 33 0.61 20.90 -11.84
N PRO A 34 1.68 21.04 -12.67
CA PRO A 34 2.43 19.87 -13.12
C PRO A 34 2.97 19.04 -11.95
N ILE A 35 2.87 17.74 -12.08
CA ILE A 35 3.50 16.91 -11.05
C ILE A 35 4.78 16.31 -11.63
N SER A 36 5.88 16.52 -10.91
CA SER A 36 7.19 16.15 -11.38
C SER A 36 7.32 14.63 -11.41
N THR A 37 7.69 14.08 -12.57
CA THR A 37 8.03 12.67 -12.67
C THR A 37 9.54 12.45 -12.63
N ASP A 38 10.35 13.51 -12.40
CA ASP A 38 11.80 13.38 -12.53
C ASP A 38 12.36 12.34 -11.57
N ASN A 39 11.93 12.38 -10.30
CA ASN A 39 12.46 11.45 -9.29
C ASN A 39 12.06 10.02 -9.66
N ALA A 40 10.80 9.81 -10.04
CA ALA A 40 10.37 8.47 -10.41
C ALA A 40 11.12 7.94 -11.62
N LYS A 41 11.38 8.79 -12.62
CA LYS A 41 12.15 8.39 -13.79
C LYS A 41 13.60 8.05 -13.42
N TYR A 42 14.19 8.82 -12.49
CA TYR A 42 15.52 8.52 -11.98
C TYR A 42 15.57 7.09 -11.42
N TRP A 43 14.61 6.73 -10.59
CA TRP A 43 14.62 5.41 -9.99
C TRP A 43 14.27 4.31 -11.00
N CYS A 44 13.33 4.57 -11.91
CA CYS A 44 12.94 3.57 -12.90
C CYS A 44 14.04 3.38 -13.96
N PHE A 45 14.52 4.48 -14.56
CA PHE A 45 15.42 4.42 -15.71
C PHE A 45 16.88 4.43 -15.30
N ASP A 46 17.30 5.42 -14.50
CA ASP A 46 18.72 5.55 -14.19
C ASP A 46 19.17 4.41 -13.26
N LYS A 47 18.35 4.08 -12.27
CA LYS A 47 18.74 3.12 -11.25
C LYS A 47 18.16 1.72 -11.48
N GLY A 48 17.21 1.59 -12.38
CA GLY A 48 16.72 0.27 -12.75
C GLY A 48 15.82 -0.37 -11.69
N ASN A 49 15.13 0.45 -10.89
CA ASN A 49 14.38 -0.07 -9.75
C ASN A 49 12.88 -0.14 -10.05
N ASP A 50 12.31 -1.33 -9.94
CA ASP A 50 10.91 -1.53 -10.29
C ASP A 50 9.96 -0.70 -9.42
N LEU A 51 10.39 -0.30 -8.21
CA LEU A 51 9.52 0.55 -7.41
C LEU A 51 9.40 1.93 -8.06
N GLY A 52 10.48 2.41 -8.68
CA GLY A 52 10.38 3.63 -9.43
C GLY A 52 9.49 3.49 -10.66
N CYS A 53 9.55 2.33 -11.34
CA CYS A 53 8.62 2.07 -12.44
C CYS A 53 7.16 2.14 -12.01
N LEU A 54 6.85 1.58 -10.85
CA LEU A 54 5.49 1.63 -10.33
C LEU A 54 5.13 3.08 -10.02
N SER A 55 6.02 3.81 -9.34
CA SER A 55 5.71 5.21 -9.06
C SER A 55 5.43 5.98 -10.35
N LEU A 56 6.21 5.72 -11.39
CA LEU A 56 6.04 6.45 -12.65
C LEU A 56 4.68 6.10 -13.27
N GLU A 57 4.30 4.83 -13.24
CA GLU A 57 2.98 4.43 -13.71
C GLU A 57 1.85 5.16 -12.95
N LYS A 58 1.96 5.25 -11.63
CA LYS A 58 0.96 5.97 -10.85
C LYS A 58 0.87 7.42 -11.32
N LEU A 59 2.04 8.06 -11.47
CA LEU A 59 2.04 9.48 -11.80
C LEU A 59 1.54 9.71 -13.21
N GLU A 60 1.86 8.84 -14.15
CA GLU A 60 1.39 8.95 -15.52
C GLU A 60 -0.12 8.72 -15.57
N ALA A 61 -0.65 7.86 -14.67
CA ALA A 61 -2.07 7.63 -14.64
C ALA A 61 -2.78 8.94 -14.27
N LEU A 62 -2.24 9.64 -13.25
CA LEU A 62 -2.81 10.92 -12.88
C LEU A 62 -2.67 11.94 -14.02
N GLU A 63 -1.52 11.95 -14.70
CA GLU A 63 -1.31 12.89 -15.80
C GLU A 63 -2.36 12.72 -16.89
N SER A 64 -2.79 11.47 -17.11
CA SER A 64 -3.70 11.11 -18.18
C SER A 64 -5.08 11.71 -17.93
N LYS A 65 -5.38 12.02 -16.68
CA LYS A 65 -6.69 12.48 -16.24
C LYS A 65 -7.76 11.43 -16.52
N ASP A 66 -7.36 10.16 -16.67
CA ASP A 66 -8.27 9.05 -16.85
C ASP A 66 -8.25 8.21 -15.58
N LEU A 67 -9.29 8.32 -14.77
CA LEU A 67 -9.33 7.55 -13.53
C LEU A 67 -9.21 6.05 -13.81
N LYS A 68 -9.65 5.58 -14.98
CA LYS A 68 -9.53 4.16 -15.27
C LYS A 68 -8.05 3.72 -15.22
N LYS A 69 -7.10 4.59 -15.55
CA LYS A 69 -5.70 4.20 -15.49
C LYS A 69 -5.21 4.08 -14.05
N VAL A 70 -5.81 4.85 -13.13
CA VAL A 70 -5.50 4.77 -11.73
C VAL A 70 -6.03 3.43 -11.19
N VAL A 71 -7.25 3.10 -11.59
CA VAL A 71 -7.85 1.84 -11.19
C VAL A 71 -6.98 0.68 -11.71
N LYS A 72 -6.53 0.77 -12.97
CA LYS A 72 -5.70 -0.28 -13.53
C LYS A 72 -4.43 -0.44 -12.69
N PHE A 73 -3.81 0.69 -12.34
CA PHE A 73 -2.57 0.64 -11.56
C PHE A 73 -2.78 -0.18 -10.28
N TYR A 74 -3.81 0.17 -9.50
CA TYR A 74 -3.99 -0.43 -8.18
C TYR A 74 -4.58 -1.84 -8.28
N GLU A 75 -5.39 -2.12 -9.31
CA GLU A 75 -6.11 -3.40 -9.36
C GLU A 75 -5.47 -4.44 -10.26
N LYS A 76 -4.67 -4.03 -11.23
CA LYS A 76 -4.00 -4.93 -12.17
C LYS A 76 -2.49 -4.86 -12.00
N THR A 77 -1.89 -3.65 -12.16
CA THR A 77 -0.44 -3.57 -12.17
C THR A 77 0.13 -3.98 -10.81
N ILE A 78 -0.45 -3.48 -9.71
CA ILE A 78 0.08 -3.85 -8.41
C ILE A 78 0.10 -5.37 -8.19
N PRO A 79 -1.02 -6.12 -8.35
CA PRO A 79 -0.96 -7.55 -8.11
C PRO A 79 -0.05 -8.27 -9.09
N GLU A 80 0.04 -7.76 -10.33
CA GLU A 80 0.97 -8.32 -11.30
C GLU A 80 2.40 -8.21 -10.79
N TYR A 81 2.77 -7.11 -10.14
CA TYR A 81 4.13 -6.97 -9.62
C TYR A 81 4.33 -7.74 -8.32
N CYS A 82 3.38 -7.62 -7.36
CA CYS A 82 3.49 -8.26 -6.06
C CYS A 82 3.52 -9.77 -6.25
N TYR A 83 2.46 -10.31 -6.86
CA TYR A 83 2.32 -11.75 -6.95
C TYR A 83 3.13 -12.29 -8.10
N ASP A 84 2.76 -11.91 -9.31
CA ASP A 84 3.24 -12.60 -10.50
C ASP A 84 4.75 -12.42 -10.70
N LYS A 85 5.28 -11.21 -10.42
CA LYS A 85 6.69 -10.89 -10.63
C LYS A 85 7.49 -11.00 -9.33
N LYS A 86 6.82 -11.33 -8.21
CA LYS A 86 7.48 -11.53 -6.93
C LYS A 86 8.24 -10.27 -6.51
N PHE A 87 7.66 -9.09 -6.76
CA PHE A 87 8.28 -7.83 -6.40
C PHE A 87 7.64 -7.31 -5.11
N ALA A 88 8.25 -7.66 -3.97
CA ALA A 88 7.63 -7.46 -2.68
C ALA A 88 7.28 -6.01 -2.39
N PRO A 89 8.02 -4.98 -2.85
CA PRO A 89 7.63 -3.61 -2.55
C PRO A 89 6.34 -3.16 -3.22
N ALA A 90 5.77 -3.93 -4.16
CA ALA A 90 4.43 -3.60 -4.65
C ALA A 90 3.32 -3.96 -3.66
N CYS A 91 3.58 -4.92 -2.76
CA CYS A 91 2.51 -5.59 -2.04
C CYS A 91 1.73 -4.71 -1.08
N ASN A 92 2.35 -3.66 -0.52
CA ASN A 92 1.67 -2.78 0.43
C ASN A 92 1.28 -1.46 -0.22
N ILE A 93 1.43 -1.27 -1.53
CA ILE A 93 1.20 0.04 -2.11
C ILE A 93 -0.26 0.45 -1.97
N PRO A 94 -1.26 -0.38 -2.31
CA PRO A 94 -2.65 0.07 -2.13
C PRO A 94 -2.99 0.38 -0.69
N ALA A 95 -2.49 -0.44 0.24
CA ALA A 95 -2.71 -0.20 1.66
C ALA A 95 -2.17 1.17 2.03
N ILE A 96 -0.95 1.49 1.62
CA ILE A 96 -0.37 2.78 1.97
C ILE A 96 -1.14 3.92 1.28
N ASP A 97 -1.30 3.83 -0.03
CA ASP A 97 -1.81 4.94 -0.81
C ASP A 97 -3.29 5.22 -0.54
N LEU A 98 -4.07 4.15 -0.28
CA LEU A 98 -5.52 4.26 -0.23
C LEU A 98 -6.12 4.06 1.16
N ILE A 99 -5.32 3.63 2.15
CA ILE A 99 -5.79 3.48 3.52
C ILE A 99 -4.94 4.31 4.47
N GLN A 100 -3.66 3.99 4.59
CA GLN A 100 -2.76 4.68 5.52
C GLN A 100 -2.76 6.19 5.24
N GLN A 101 -2.65 6.55 3.96
CA GLN A 101 -2.53 7.95 3.58
C GLN A 101 -3.88 8.67 3.71
N LYS A 102 -5.00 7.96 3.54
CA LYS A 102 -6.33 8.51 3.74
C LYS A 102 -6.52 8.85 5.21
N LEU A 103 -6.22 7.92 6.10
CA LEU A 103 -6.37 8.16 7.53
C LEU A 103 -5.40 9.26 7.98
N SER A 104 -4.20 9.33 7.36
CA SER A 104 -3.27 10.40 7.69
C SER A 104 -3.88 11.77 7.37
N TYR A 105 -4.51 11.86 6.19
CA TYR A 105 -5.16 13.08 5.76
C TYR A 105 -6.23 13.50 6.77
N TYR A 106 -7.03 12.55 7.28
CA TYR A 106 -8.05 12.89 8.29
C TYR A 106 -7.40 13.42 9.58
N VAL A 107 -6.23 12.89 9.97
CA VAL A 107 -5.52 13.41 11.13
C VAL A 107 -5.00 14.82 10.89
N ARG A 108 -4.35 15.06 9.73
CA ARG A 108 -3.79 16.36 9.41
C ARG A 108 -4.85 17.47 9.37
N ASN A 109 -6.05 17.11 8.86
CA ASN A 109 -7.10 18.06 8.55
C ASN A 109 -8.21 18.05 9.62
N ASP A 110 -7.96 17.37 10.76
CA ASP A 110 -8.89 17.33 11.88
C ASP A 110 -10.31 16.91 11.46
N ILE A 111 -10.39 15.84 10.68
CA ILE A 111 -11.66 15.41 10.15
C ILE A 111 -12.22 14.28 10.99
N ASP A 112 -13.50 14.40 11.34
CA ASP A 112 -14.25 13.32 11.97
C ASP A 112 -13.62 12.83 13.28
N ASN A 113 -13.05 13.74 14.07
CA ASN A 113 -12.47 13.42 15.36
C ASN A 113 -11.37 12.36 15.28
N LYS A 114 -10.70 12.28 14.13
CA LYS A 114 -9.54 11.41 14.00
C LYS A 114 -8.30 12.15 14.51
N THR A 115 -7.49 11.45 15.31
CA THR A 115 -6.30 12.04 15.92
C THR A 115 -5.15 11.04 15.86
N ILE A 116 -3.95 11.51 16.21
CA ILE A 116 -2.82 10.60 16.30
C ILE A 116 -3.08 9.53 17.35
N LYS A 117 -3.88 9.85 18.38
CA LYS A 117 -4.22 8.92 19.43
C LYS A 117 -4.92 7.69 18.87
N THR A 118 -5.85 7.87 17.92
CA THR A 118 -6.65 6.77 17.41
C THR A 118 -6.06 6.18 16.13
N PHE A 119 -5.12 6.87 15.52
CA PHE A 119 -4.66 6.56 14.18
C PHE A 119 -4.18 5.11 14.04
N TYR A 120 -3.30 4.66 14.92
CA TYR A 120 -2.69 3.35 14.70
C TYR A 120 -3.73 2.21 14.81
N SER A 121 -4.63 2.30 15.78
CA SER A 121 -5.76 1.42 15.93
C SER A 121 -6.69 1.53 14.71
N ASP A 122 -6.98 2.76 14.27
CA ASP A 122 -7.87 3.00 13.16
C ASP A 122 -7.30 2.34 11.89
N TYR A 123 -5.99 2.53 11.65
CA TYR A 123 -5.36 1.97 10.48
C TYR A 123 -5.35 0.44 10.54
N ALA A 124 -5.04 -0.13 11.72
CA ALA A 124 -5.08 -1.58 11.82
C ALA A 124 -6.47 -2.12 11.49
N LYS A 125 -7.53 -1.46 12.02
CA LYS A 125 -8.89 -1.89 11.79
C LYS A 125 -9.22 -1.81 10.31
N ALA A 126 -8.90 -0.68 9.66
CA ALA A 126 -9.22 -0.51 8.26
C ALA A 126 -8.42 -1.48 7.36
N LEU A 127 -7.13 -1.67 7.68
CA LEU A 127 -6.35 -2.58 6.84
C LEU A 127 -6.86 -4.02 6.97
N SER A 128 -7.18 -4.44 8.21
CA SER A 128 -7.66 -5.80 8.45
C SER A 128 -8.97 -6.08 7.72
N GLU A 129 -9.77 -5.03 7.43
CA GLU A 129 -11.02 -5.19 6.70
C GLU A 129 -10.85 -5.29 5.19
N SER A 130 -9.64 -4.91 4.68
CA SER A 130 -9.31 -4.95 3.27
C SER A 130 -8.63 -6.28 2.92
N LYS A 131 -9.41 -7.31 2.65
CA LYS A 131 -8.86 -8.65 2.55
C LYS A 131 -7.91 -8.78 1.36
N ALA A 132 -8.18 -8.06 0.26
CA ALA A 132 -7.28 -8.09 -0.87
C ALA A 132 -5.88 -7.64 -0.43
N ASP A 133 -5.83 -6.57 0.36
CA ASP A 133 -4.54 -6.08 0.82
C ASP A 133 -3.87 -7.02 1.80
N VAL A 134 -4.61 -7.54 2.77
CA VAL A 134 -4.06 -8.49 3.75
C VAL A 134 -3.44 -9.66 2.98
N LYS A 135 -4.14 -10.20 1.97
CA LYS A 135 -3.55 -11.33 1.26
C LYS A 135 -2.27 -10.99 0.53
N MET A 136 -2.14 -9.78 -0.05
CA MET A 136 -0.89 -9.38 -0.68
C MET A 136 0.21 -9.24 0.37
N LEU A 137 -0.11 -8.75 1.56
CA LEU A 137 0.89 -8.65 2.62
C LEU A 137 1.33 -10.05 3.02
N GLU A 138 0.38 -10.98 3.16
CA GLU A 138 0.76 -12.32 3.58
C GLU A 138 1.70 -12.95 2.55
N TYR A 139 1.48 -12.70 1.27
CA TYR A 139 2.38 -13.18 0.24
C TYR A 139 3.75 -12.53 0.35
N GLY A 140 3.78 -11.19 0.44
CA GLY A 140 5.05 -10.48 0.47
C GLY A 140 5.91 -10.83 1.66
N CYS A 141 5.26 -11.17 2.79
CA CYS A 141 5.95 -11.63 3.98
C CYS A 141 6.25 -13.13 3.88
N ASN A 142 5.22 -13.97 3.75
CA ASN A 142 5.42 -15.42 3.98
C ASN A 142 6.11 -16.10 2.81
N GLU A 143 5.84 -15.60 1.60
CA GLU A 143 6.48 -16.17 0.43
C GLU A 143 7.74 -15.42 0.04
N LEU A 144 7.66 -14.09 -0.04
CA LEU A 144 8.78 -13.32 -0.58
C LEU A 144 9.78 -12.92 0.51
N LYS A 145 9.41 -13.03 1.79
CA LYS A 145 10.32 -12.78 2.89
C LYS A 145 10.81 -11.33 2.89
N SER A 146 9.92 -10.38 2.61
CA SER A 146 10.22 -8.96 2.82
C SER A 146 9.94 -8.56 4.26
N ALA A 147 10.98 -8.21 5.02
CA ALA A 147 10.78 -7.80 6.40
C ALA A 147 9.88 -6.57 6.49
N TYR A 148 9.92 -5.64 5.52
CA TYR A 148 9.03 -4.48 5.60
C TYR A 148 7.56 -4.87 5.40
N ILE A 149 7.29 -5.91 4.63
CA ILE A 149 5.91 -6.38 4.48
C ILE A 149 5.49 -7.14 5.74
N CYS A 150 6.36 -7.98 6.29
CA CYS A 150 6.12 -8.59 7.59
C CYS A 150 5.78 -7.55 8.65
N ARG A 151 6.50 -6.40 8.62
CA ARG A 151 6.27 -5.34 9.58
C ARG A 151 4.87 -4.75 9.45
N ASP A 152 4.35 -4.69 8.22
CA ASP A 152 2.98 -4.22 8.02
C ASP A 152 1.98 -5.09 8.78
N LEU A 153 2.16 -6.41 8.73
CA LEU A 153 1.28 -7.32 9.45
C LEU A 153 1.55 -7.26 10.94
N ARG A 154 2.84 -7.18 11.33
CA ARG A 154 3.17 -7.00 12.73
C ARG A 154 2.43 -5.80 13.32
N ASP A 155 2.50 -4.65 12.64
CA ASP A 155 1.87 -3.43 13.11
C ASP A 155 0.35 -3.62 13.19
N MET A 156 -0.24 -4.21 12.16
CA MET A 156 -1.67 -4.44 12.12
C MET A 156 -2.10 -5.28 13.34
N TYR A 157 -1.47 -6.42 13.54
CA TYR A 157 -1.87 -7.27 14.66
C TYR A 157 -1.57 -6.62 16.00
N LYS A 158 -0.49 -5.83 16.12
CA LYS A 158 -0.17 -5.16 17.37
C LYS A 158 -1.30 -4.23 17.80
N TYR A 159 -1.79 -3.43 16.85
CA TYR A 159 -2.82 -2.46 17.18
C TYR A 159 -4.22 -3.03 17.14
N LEU A 160 -4.41 -4.25 16.62
CA LEU A 160 -5.63 -5.04 16.86
C LEU A 160 -5.62 -5.70 18.24
N GLY A 161 -4.44 -5.82 18.87
CA GLY A 161 -4.31 -6.45 20.17
C GLY A 161 -4.14 -7.97 20.11
N ASP A 162 -3.76 -8.52 18.95
CA ASP A 162 -3.55 -9.94 18.81
C ASP A 162 -2.09 -10.31 19.09
N LYS A 163 -1.80 -10.73 20.32
CA LYS A 163 -0.43 -10.84 20.77
C LYS A 163 0.29 -11.99 20.07
N GLU A 164 -0.39 -13.12 19.86
CA GLU A 164 0.20 -14.29 19.21
C GLU A 164 0.61 -13.94 17.77
N LYS A 165 -0.29 -13.30 17.03
CA LYS A 165 0.02 -12.96 15.66
C LYS A 165 1.07 -11.84 15.60
N THR A 166 1.09 -10.93 16.55
CA THR A 166 2.12 -9.90 16.59
C THR A 166 3.48 -10.58 16.76
N LYS A 167 3.57 -11.57 17.64
CA LYS A 167 4.81 -12.28 17.85
C LYS A 167 5.23 -13.01 16.57
N GLU A 168 4.27 -13.68 15.94
CA GLU A 168 4.55 -14.39 14.70
C GLU A 168 5.23 -13.48 13.68
N TYR A 169 4.67 -12.29 13.46
CA TYR A 169 5.17 -11.44 12.39
C TYR A 169 6.44 -10.71 12.85
N ASN A 170 6.57 -10.42 14.13
CA ASN A 170 7.83 -9.93 14.66
C ASN A 170 8.96 -10.91 14.38
N ASP A 171 8.72 -12.19 14.62
CA ASP A 171 9.76 -13.19 14.37
C ASP A 171 10.08 -13.26 12.88
N LYS A 172 9.07 -13.18 12.01
CA LYS A 172 9.27 -13.24 10.56
C LYS A 172 10.07 -12.05 10.04
N MET A 173 9.88 -10.89 10.67
CA MET A 173 10.69 -9.72 10.38
C MET A 173 12.18 -9.97 10.53
N LYS A 174 12.56 -10.82 11.48
CA LYS A 174 13.97 -11.04 11.77
C LYS A 174 14.63 -11.96 10.73
N ASN A 175 13.80 -12.60 9.88
CA ASN A 175 14.27 -13.60 8.92
C ASN A 175 14.02 -13.17 7.47
N GLY A 176 14.09 -11.86 7.20
CA GLY A 176 13.82 -11.36 5.87
C GLY A 176 15.00 -11.60 4.92
N ASP A 177 14.66 -11.57 3.62
CA ASP A 177 15.62 -11.63 2.53
C ASP A 177 16.29 -10.28 2.40
N GLU A 178 17.63 -10.27 2.36
CA GLU A 178 18.42 -9.05 2.30
C GLU A 178 18.09 -8.22 1.06
N LYS A 179 17.55 -8.85 -0.01
CA LYS A 179 17.27 -8.12 -1.24
C LYS A 179 16.23 -7.03 -0.98
N TRP A 180 15.41 -7.19 0.08
CA TRP A 180 14.37 -6.21 0.37
C TRP A 180 14.75 -5.26 1.51
N ASN A 181 15.95 -5.42 2.07
CA ASN A 181 16.38 -4.66 3.26
C ASN A 181 17.08 -3.36 2.87
N SER A 182 16.28 -2.42 2.36
CA SER A 182 16.73 -1.07 2.04
C SER A 182 15.65 -0.05 2.39
N VAL A 183 16.06 1.12 2.92
CA VAL A 183 15.07 2.13 3.29
C VAL A 183 14.34 2.69 2.06
N LEU A 184 14.84 2.41 0.84
CA LEU A 184 14.13 2.70 -0.39
C LEU A 184 12.73 2.08 -0.38
N TYR A 185 12.59 0.98 0.35
CA TYR A 185 11.38 0.18 0.43
C TYR A 185 10.61 0.33 1.74
N ASP A 186 10.99 1.31 2.58
CA ASP A 186 10.40 1.56 3.88
C ASP A 186 9.46 2.76 3.80
N TYR A 187 8.13 2.53 3.77
CA TYR A 187 7.21 3.63 3.55
C TYR A 187 7.29 4.68 4.66
N LYS A 188 7.79 4.30 5.84
CA LYS A 188 7.89 5.20 6.98
C LYS A 188 9.12 6.11 6.87
N HIS A 189 10.00 5.82 5.91
CA HIS A 189 11.27 6.54 5.79
C HIS A 189 11.21 7.55 4.63
N MET A 190 11.96 8.64 4.81
CA MET A 190 12.06 9.67 3.80
C MET A 190 12.59 9.17 2.46
N ARG A 191 13.41 8.11 2.46
CA ARG A 191 13.98 7.61 1.23
C ARG A 191 13.03 6.72 0.40
N TYR A 192 11.83 6.44 0.92
CA TYR A 192 10.89 5.56 0.21
C TYR A 192 10.68 6.04 -1.22
N ILE A 193 10.91 5.19 -2.22
CA ILE A 193 10.87 5.63 -3.59
C ILE A 193 9.48 6.14 -3.95
N HIS A 194 8.47 5.46 -3.41
CA HIS A 194 7.09 5.77 -3.75
C HIS A 194 6.51 6.83 -2.82
N GLY A 195 7.33 7.48 -2.02
CA GLY A 195 6.80 8.40 -1.02
C GLY A 195 6.18 9.62 -1.67
N GLY A 196 5.00 9.99 -1.17
CA GLY A 196 4.34 11.24 -1.56
C GLY A 196 3.50 11.12 -2.83
N TYR A 197 3.24 9.88 -3.29
CA TYR A 197 2.47 9.73 -4.55
C TYR A 197 1.01 9.28 -4.36
N SER A 198 0.54 9.19 -3.12
CA SER A 198 -0.88 9.07 -2.86
C SER A 198 -1.54 10.39 -3.21
N SER A 199 -2.72 10.38 -3.84
CA SER A 199 -3.45 11.62 -4.04
C SER A 199 -3.87 12.26 -2.70
N TRP A 200 -3.96 11.50 -1.61
CA TRP A 200 -4.24 12.06 -0.29
C TRP A 200 -3.13 13.02 0.16
N TRP A 201 -1.91 12.81 -0.32
CA TRP A 201 -0.83 13.75 -0.10
C TRP A 201 -0.78 14.81 -1.21
N LEU A 202 -0.87 14.39 -2.49
CA LEU A 202 -0.77 15.29 -3.63
C LEU A 202 -1.80 16.41 -3.57
N LEU A 203 -2.98 16.16 -2.97
CA LEU A 203 -3.98 17.19 -2.84
C LEU A 203 -3.50 18.33 -1.96
N GLU A 204 -2.59 18.04 -1.03
CA GLU A 204 -2.04 19.04 -0.11
C GLU A 204 -1.12 20.06 -0.82
N LYS A 205 -0.67 19.75 -2.04
CA LYS A 205 0.37 20.49 -2.73
C LYS A 205 -0.21 21.34 -3.84
N ILE A 206 -1.54 21.28 -4.00
CA ILE A 206 -2.25 22.08 -4.99
C ILE A 206 -2.06 23.55 -4.68
N LYS A 207 -2.07 23.91 -3.39
CA LYS A 207 -1.67 25.24 -2.94
C LYS A 207 -2.61 26.30 -3.53
#